data_3RD6
#
_entry.id   3RD6
#
_cell.length_a   35.837
_cell.length_b   84.071
_cell.length_c   108.932
_cell.angle_alpha   90.00
_cell.angle_beta   90.00
_cell.angle_gamma   90.00
#
_symmetry.space_group_name_H-M   'P 21 21 21'
#
loop_
_entity.id
_entity.type
_entity.pdbx_description
1 polymer 'Mll3558 protein'
2 water water
#
_entity_poly.entity_id   1
_entity_poly.type   'polypeptide(L)'
_entity_poly.pdbx_seq_one_letter_code
;MEHSVIHSTFTIERTYPQSPDRVFHAFADKATVRRWRVDGDGFTVAEFSFDFRVGGGEVSRFSYGGGPEVRLDAQFQDIV
PDQRIVFSYRMAIGPQPMSASLTTVELTPSGDGTRLTYTEQGAFFDGVDSAKGREEGTRGLLEALAAELQKWKLEHHHHH
H
;
_entity_poly.pdbx_strand_id   A,B
#
# COMPACT_ATOMS: atom_id res chain seq x y z
N HIS A 3 -2.05 -20.97 3.94
CA HIS A 3 -2.31 -19.61 3.38
C HIS A 3 -1.44 -19.29 2.15
N SER A 4 -1.99 -18.52 1.21
CA SER A 4 -1.25 -18.15 0.01
C SER A 4 -1.41 -16.69 -0.38
N VAL A 5 -0.39 -16.14 -1.02
CA VAL A 5 -0.42 -14.76 -1.45
C VAL A 5 -0.01 -14.63 -2.90
N ILE A 6 -0.90 -14.09 -3.72
CA ILE A 6 -0.61 -13.88 -5.14
C ILE A 6 -0.19 -12.41 -5.30
N HIS A 7 0.92 -12.17 -6.00
CA HIS A 7 1.37 -10.82 -6.23
C HIS A 7 1.34 -10.55 -7.72
N SER A 8 0.72 -9.45 -8.10
CA SER A 8 0.64 -9.08 -9.50
C SER A 8 0.54 -7.57 -9.59
N THR A 9 0.78 -7.06 -10.77
CA THR A 9 0.70 -5.63 -11.01
C THR A 9 0.09 -5.50 -12.38
N PHE A 10 -0.68 -4.45 -12.59
CA PHE A 10 -1.28 -4.22 -13.89
C PHE A 10 -1.31 -2.72 -14.11
N THR A 11 -1.37 -2.32 -15.38
CA THR A 11 -1.39 -0.91 -15.72
C THR A 11 -2.45 -0.60 -16.76
N ILE A 12 -3.07 0.57 -16.64
CA ILE A 12 -4.12 0.98 -17.55
C ILE A 12 -3.90 2.41 -18.03
N GLU A 13 -3.67 2.58 -19.33
CA GLU A 13 -3.48 3.92 -19.88
C GLU A 13 -4.78 4.35 -20.51
N ARG A 14 -5.12 5.61 -20.33
CA ARG A 14 -6.35 6.15 -20.88
C ARG A 14 -6.24 7.66 -20.93
N THR A 15 -6.35 8.22 -22.13
CA THR A 15 -6.24 9.66 -22.29
C THR A 15 -7.59 10.34 -22.26
N TYR A 16 -7.57 11.60 -21.83
CA TYR A 16 -8.79 12.39 -21.72
C TYR A 16 -8.57 13.73 -22.42
N PRO A 17 -9.62 14.26 -23.07
CA PRO A 17 -9.51 15.54 -23.77
C PRO A 17 -9.34 16.67 -22.75
N GLN A 18 -9.64 16.38 -21.49
CA GLN A 18 -9.50 17.34 -20.42
C GLN A 18 -8.03 17.56 -20.05
N SER A 19 -7.77 18.68 -19.40
CA SER A 19 -6.42 19.02 -18.95
C SER A 19 -6.18 18.33 -17.60
N PRO A 20 -4.96 18.42 -17.06
CA PRO A 20 -4.68 17.78 -15.77
C PRO A 20 -5.51 18.30 -14.60
N ASP A 21 -5.58 19.62 -14.45
CA ASP A 21 -6.35 20.22 -13.36
C ASP A 21 -7.74 19.61 -13.26
N ARG A 22 -8.36 19.37 -14.40
CA ARG A 22 -9.69 18.81 -14.46
C ARG A 22 -9.74 17.35 -13.98
N VAL A 23 -8.89 16.50 -14.57
CA VAL A 23 -8.88 15.09 -14.18
C VAL A 23 -8.39 14.87 -12.74
N PHE A 24 -7.41 15.66 -12.31
CA PHE A 24 -6.93 15.53 -10.95
C PHE A 24 -8.14 15.78 -10.07
N HIS A 25 -8.77 16.92 -10.29
CA HIS A 25 -9.95 17.31 -9.54
C HIS A 25 -10.92 16.16 -9.34
N ALA A 26 -11.20 15.43 -10.42
CA ALA A 26 -12.13 14.29 -10.37
C ALA A 26 -11.72 13.22 -9.36
N PHE A 27 -10.49 13.31 -8.86
CA PHE A 27 -10.00 12.35 -7.89
C PHE A 27 -9.95 12.95 -6.49
N ALA A 28 -9.63 14.23 -6.42
CA ALA A 28 -9.47 14.93 -5.15
C ALA A 28 -10.72 15.59 -4.55
N ASP A 29 -11.77 15.74 -5.35
CA ASP A 29 -13.01 16.35 -4.88
C ASP A 29 -14.03 15.28 -4.49
N LYS A 30 -14.34 15.20 -3.20
CA LYS A 30 -15.28 14.22 -2.68
C LYS A 30 -16.56 14.07 -3.50
N ALA A 31 -17.25 15.18 -3.74
CA ALA A 31 -18.49 15.15 -4.51
C ALA A 31 -18.32 14.51 -5.89
N THR A 32 -17.39 15.04 -6.69
CA THR A 32 -17.16 14.49 -8.00
C THR A 32 -16.86 12.99 -7.88
N VAL A 33 -15.94 12.65 -7.00
CA VAL A 33 -15.56 11.26 -6.80
C VAL A 33 -16.78 10.38 -6.60
N ARG A 34 -17.68 10.81 -5.74
CA ARG A 34 -18.89 10.04 -5.43
C ARG A 34 -19.84 9.81 -6.60
N ARG A 35 -19.48 10.27 -7.79
CA ARG A 35 -20.37 10.10 -8.93
C ARG A 35 -19.87 9.11 -9.98
N TRP A 36 -18.55 8.93 -10.10
CA TRP A 36 -18.04 7.97 -11.06
C TRP A 36 -17.56 6.64 -10.45
N ARG A 37 -17.15 6.66 -9.19
CA ARG A 37 -16.70 5.44 -8.52
C ARG A 37 -17.75 4.88 -7.56
N VAL A 38 -18.41 5.78 -6.83
CA VAL A 38 -19.45 5.43 -5.87
C VAL A 38 -20.73 6.16 -6.28
N ASP A 39 -21.87 5.77 -5.69
CA ASP A 39 -23.14 6.40 -5.98
C ASP A 39 -23.46 7.43 -4.88
N GLY A 40 -24.42 7.11 -4.02
CA GLY A 40 -24.79 8.01 -2.95
C GLY A 40 -25.92 8.95 -3.30
N ASP A 41 -27.09 8.38 -3.61
CA ASP A 41 -28.26 9.18 -3.95
C ASP A 41 -29.45 8.25 -4.19
N GLY A 42 -30.44 8.33 -3.32
CA GLY A 42 -31.61 7.47 -3.44
C GLY A 42 -32.80 8.19 -4.08
N ALA A 46 -23.90 3.16 1.43
CA ALA A 46 -23.93 2.77 2.83
C ALA A 46 -22.98 3.59 3.71
N GLU A 47 -21.75 3.80 3.23
CA GLU A 47 -20.76 4.63 3.94
C GLU A 47 -19.64 5.04 3.01
N PHE A 48 -19.17 6.27 3.16
CA PHE A 48 -18.08 6.75 2.33
C PHE A 48 -17.37 7.92 2.99
N SER A 49 -16.27 7.62 3.67
CA SER A 49 -15.45 8.62 4.32
C SER A 49 -14.31 8.88 3.36
N PHE A 50 -14.14 10.14 2.99
CA PHE A 50 -13.08 10.50 2.06
C PHE A 50 -12.33 11.70 2.63
N ASP A 51 -11.09 11.49 3.04
CA ASP A 51 -10.27 12.56 3.58
C ASP A 51 -9.04 12.66 2.70
N PHE A 52 -9.12 13.51 1.68
CA PHE A 52 -8.03 13.67 0.72
C PHE A 52 -6.81 14.45 1.19
N ARG A 53 -5.86 13.75 1.79
CA ARG A 53 -4.59 14.31 2.31
C ARG A 53 -3.64 13.16 2.61
N VAL A 54 -2.33 13.40 2.58
CA VAL A 54 -1.40 12.32 2.91
C VAL A 54 -1.71 11.96 4.35
N GLY A 55 -1.80 10.66 4.65
CA GLY A 55 -2.10 10.24 6.00
C GLY A 55 -3.61 10.11 6.18
N GLY A 56 -4.34 10.81 5.31
CA GLY A 56 -5.78 10.74 5.35
C GLY A 56 -6.26 9.50 4.63
N GLY A 57 -7.46 9.06 4.93
CA GLY A 57 -7.94 7.86 4.28
C GLY A 57 -9.35 7.90 3.75
N GLU A 58 -9.76 6.76 3.23
CA GLU A 58 -11.06 6.56 2.63
C GLU A 58 -11.68 5.31 3.23
N VAL A 59 -13.00 5.26 3.30
CA VAL A 59 -13.70 4.09 3.82
C VAL A 59 -14.98 3.99 3.04
N SER A 60 -15.21 2.82 2.45
CA SER A 60 -16.38 2.62 1.63
C SER A 60 -17.08 1.33 2.04
N ARG A 61 -18.39 1.40 2.20
CA ARG A 61 -19.15 0.22 2.56
C ARG A 61 -20.42 0.13 1.72
N PHE A 62 -20.51 -0.91 0.90
CA PHE A 62 -21.68 -1.10 0.05
C PHE A 62 -21.97 -2.58 -0.16
N SER A 63 -23.21 -2.89 -0.51
CA SER A 63 -23.65 -4.26 -0.75
C SER A 63 -24.79 -4.27 -1.76
N TYR A 64 -24.94 -5.35 -2.52
CA TYR A 64 -26.04 -5.41 -3.49
C TYR A 64 -27.16 -6.31 -2.99
N GLY A 65 -28.36 -5.76 -2.95
CA GLY A 65 -29.48 -6.53 -2.43
C GLY A 65 -29.22 -6.65 -0.93
N GLY A 66 -29.51 -7.82 -0.37
CA GLY A 66 -29.27 -8.03 1.03
C GLY A 66 -27.92 -8.68 1.30
N GLY A 67 -27.17 -8.92 0.22
CA GLY A 67 -25.88 -9.58 0.30
C GLY A 67 -24.77 -9.01 1.17
N PRO A 68 -23.60 -9.66 1.13
CA PRO A 68 -22.40 -9.30 1.87
C PRO A 68 -21.97 -7.89 1.57
N GLU A 69 -21.52 -7.20 2.61
CA GLU A 69 -21.05 -5.84 2.48
C GLU A 69 -19.61 -5.83 2.02
N VAL A 70 -19.35 -5.14 0.92
CA VAL A 70 -18.00 -5.00 0.42
C VAL A 70 -17.39 -3.77 1.10
N ARG A 71 -16.26 -3.96 1.78
CA ARG A 71 -15.59 -2.84 2.46
C ARG A 71 -14.21 -2.58 1.90
N LEU A 72 -13.95 -1.32 1.57
CA LEU A 72 -12.66 -0.92 1.05
C LEU A 72 -12.07 0.15 1.95
N ASP A 73 -10.91 -0.14 2.54
CA ASP A 73 -10.21 0.79 3.43
C ASP A 73 -8.93 1.23 2.74
N ALA A 74 -8.78 2.54 2.53
CA ALA A 74 -7.60 3.07 1.88
C ALA A 74 -6.95 4.22 2.65
N GLN A 75 -5.65 4.43 2.46
CA GLN A 75 -4.94 5.54 3.10
C GLN A 75 -4.05 6.22 2.06
N PHE A 76 -4.08 7.55 2.00
CA PHE A 76 -3.27 8.26 1.03
C PHE A 76 -1.84 8.28 1.49
N GLN A 77 -0.94 7.95 0.57
CA GLN A 77 0.50 7.88 0.85
C GLN A 77 1.29 9.04 0.26
N ASP A 78 0.79 9.57 -0.86
CA ASP A 78 1.49 10.67 -1.52
C ASP A 78 0.59 11.37 -2.51
N ILE A 79 0.68 12.70 -2.50
CA ILE A 79 -0.10 13.57 -3.40
C ILE A 79 0.78 14.68 -3.97
N VAL A 80 0.80 14.79 -5.30
CA VAL A 80 1.55 15.82 -6.00
C VAL A 80 0.47 16.44 -6.87
N PRO A 81 0.03 17.67 -6.54
CA PRO A 81 -1.02 18.41 -7.26
C PRO A 81 -1.08 18.27 -8.79
N ASP A 82 -2.25 17.82 -9.26
CA ASP A 82 -2.55 17.62 -10.66
C ASP A 82 -1.64 16.62 -11.39
N GLN A 83 -0.70 16.01 -10.67
CA GLN A 83 0.19 15.09 -11.34
C GLN A 83 0.29 13.67 -10.78
N ARG A 84 0.08 13.49 -9.48
CA ARG A 84 0.20 12.13 -8.92
C ARG A 84 -0.61 11.81 -7.68
N ILE A 85 -1.11 10.58 -7.61
CA ILE A 85 -1.87 10.16 -6.45
C ILE A 85 -1.47 8.74 -6.08
N VAL A 86 -1.03 8.56 -4.84
CA VAL A 86 -0.63 7.23 -4.36
C VAL A 86 -1.32 6.88 -3.06
N PHE A 87 -1.95 5.72 -3.07
CA PHE A 87 -2.63 5.23 -1.89
C PHE A 87 -2.59 3.71 -1.88
N SER A 88 -2.65 3.16 -0.68
CA SER A 88 -2.68 1.73 -0.47
C SER A 88 -4.11 1.50 -0.02
N TYR A 89 -4.54 0.24 -0.03
CA TYR A 89 -5.89 -0.06 0.40
C TYR A 89 -6.06 -1.54 0.53
N ARG A 90 -7.07 -1.93 1.29
CA ARG A 90 -7.38 -3.34 1.48
C ARG A 90 -8.88 -3.49 1.24
N MET A 91 -9.25 -4.61 0.66
CA MET A 91 -10.63 -4.87 0.35
C MET A 91 -11.07 -6.16 1.00
N ALA A 92 -12.34 -6.21 1.40
CA ALA A 92 -12.92 -7.38 2.01
C ALA A 92 -14.40 -7.44 1.70
N ILE A 93 -14.92 -8.66 1.66
CA ILE A 93 -16.35 -8.88 1.44
C ILE A 93 -16.74 -9.79 2.60
N GLY A 94 -17.58 -9.27 3.50
CA GLY A 94 -17.96 -10.05 4.66
C GLY A 94 -16.76 -9.98 5.59
N PRO A 95 -16.38 -11.10 6.25
CA PRO A 95 -15.23 -11.07 7.15
C PRO A 95 -13.97 -11.58 6.46
N GLN A 96 -14.12 -12.12 5.25
CA GLN A 96 -13.00 -12.66 4.49
C GLN A 96 -12.24 -11.54 3.78
N PRO A 97 -10.99 -11.28 4.19
CA PRO A 97 -10.16 -10.24 3.57
C PRO A 97 -9.57 -10.77 2.27
N MET A 98 -10.05 -10.23 1.16
CA MET A 98 -9.60 -10.68 -0.14
C MET A 98 -8.29 -10.11 -0.69
N SER A 99 -7.83 -8.96 -0.21
CA SER A 99 -6.58 -8.40 -0.73
C SER A 99 -6.16 -7.05 -0.17
N ALA A 100 -4.90 -6.71 -0.42
CA ALA A 100 -4.29 -5.43 -0.02
C ALA A 100 -3.42 -5.04 -1.20
N SER A 101 -3.45 -3.77 -1.56
CA SER A 101 -2.64 -3.32 -2.68
C SER A 101 -2.23 -1.87 -2.58
N LEU A 102 -1.42 -1.46 -3.53
CA LEU A 102 -0.95 -0.10 -3.59
C LEU A 102 -1.38 0.43 -4.96
N THR A 103 -1.95 1.63 -4.95
CA THR A 103 -2.37 2.27 -6.17
C THR A 103 -1.57 3.53 -6.41
N THR A 104 -1.26 3.75 -7.67
CA THR A 104 -0.52 4.93 -8.11
C THR A 104 -1.28 5.44 -9.32
N VAL A 105 -1.59 6.72 -9.29
CA VAL A 105 -2.29 7.38 -10.39
C VAL A 105 -1.39 8.52 -10.87
N GLU A 106 -0.96 8.44 -12.12
CA GLU A 106 -0.11 9.47 -12.69
C GLU A 106 -0.87 10.24 -13.76
N LEU A 107 -0.68 11.55 -13.79
CA LEU A 107 -1.34 12.41 -14.76
C LEU A 107 -0.29 13.31 -15.40
N THR A 108 0.18 12.94 -16.58
CA THR A 108 1.17 13.72 -17.30
C THR A 108 0.52 14.52 -18.42
N PRO A 109 0.98 15.76 -18.63
CA PRO A 109 0.38 16.57 -19.70
C PRO A 109 0.52 15.87 -21.05
N SER A 110 -0.54 15.91 -21.85
CA SER A 110 -0.52 15.31 -23.18
C SER A 110 -0.86 16.43 -24.16
N GLY A 111 0.03 17.41 -24.25
CA GLY A 111 -0.17 18.55 -25.12
C GLY A 111 -1.34 19.41 -24.69
N ASP A 112 -2.55 18.99 -25.06
CA ASP A 112 -3.73 19.71 -24.69
C ASP A 112 -4.68 18.84 -23.89
N GLY A 113 -4.30 17.56 -23.74
CA GLY A 113 -5.11 16.62 -23.00
C GLY A 113 -4.41 16.10 -21.77
N THR A 114 -4.88 14.98 -21.23
CA THR A 114 -4.27 14.41 -20.04
C THR A 114 -3.96 12.91 -20.16
N ARG A 115 -2.73 12.53 -19.82
CA ARG A 115 -2.32 11.14 -19.88
C ARG A 115 -2.45 10.53 -18.49
N LEU A 116 -3.31 9.52 -18.37
CA LEU A 116 -3.52 8.87 -17.08
C LEU A 116 -3.10 7.43 -17.07
N THR A 117 -2.03 7.16 -16.33
CA THR A 117 -1.53 5.81 -16.17
C THR A 117 -1.85 5.40 -14.74
N TYR A 118 -2.77 4.44 -14.62
CA TYR A 118 -3.23 3.91 -13.35
C TYR A 118 -2.56 2.56 -13.10
N THR A 119 -1.67 2.50 -12.12
CA THR A 119 -0.96 1.26 -11.79
C THR A 119 -1.37 0.67 -10.44
N GLU A 120 -1.62 -0.64 -10.42
CA GLU A 120 -2.00 -1.30 -9.17
C GLU A 120 -1.18 -2.54 -8.79
N GLN A 121 -0.35 -2.40 -7.76
CA GLN A 121 0.46 -3.51 -7.27
C GLN A 121 -0.33 -4.14 -6.15
N GLY A 122 -0.86 -5.31 -6.40
CA GLY A 122 -1.67 -5.95 -5.37
C GLY A 122 -1.21 -7.28 -4.83
N ALA A 123 -1.79 -7.61 -3.69
CA ALA A 123 -1.52 -8.85 -3.00
C ALA A 123 -2.91 -9.47 -2.74
N PHE A 124 -3.23 -10.55 -3.46
CA PHE A 124 -4.52 -11.21 -3.31
C PHE A 124 -4.40 -12.39 -2.38
N PHE A 125 -5.30 -12.43 -1.39
CA PHE A 125 -5.28 -13.43 -0.35
C PHE A 125 -5.98 -14.76 -0.46
N ASP A 126 -5.27 -15.76 0.05
CA ASP A 126 -5.68 -17.15 0.14
C ASP A 126 -6.63 -17.66 -0.93
N GLY A 127 -6.03 -18.29 -1.93
CA GLY A 127 -6.79 -18.85 -3.03
C GLY A 127 -7.26 -17.76 -3.97
N VAL A 128 -8.04 -16.85 -3.42
CA VAL A 128 -8.59 -15.73 -4.18
C VAL A 128 -7.62 -15.05 -5.14
N ASP A 129 -8.01 -15.02 -6.41
CA ASP A 129 -7.22 -14.34 -7.43
C ASP A 129 -8.20 -13.40 -8.12
N SER A 130 -8.37 -12.23 -7.54
CA SER A 130 -9.27 -11.23 -8.07
C SER A 130 -8.55 -10.22 -8.96
N ALA A 131 -7.26 -10.43 -9.18
CA ALA A 131 -6.49 -9.50 -10.01
C ALA A 131 -7.21 -9.23 -11.32
N LYS A 132 -7.63 -10.31 -11.97
CA LYS A 132 -8.32 -10.24 -13.25
C LYS A 132 -9.59 -9.42 -13.13
N GLY A 133 -10.46 -9.83 -12.19
CA GLY A 133 -11.71 -9.12 -11.95
C GLY A 133 -11.54 -7.68 -11.50
N ARG A 134 -10.47 -7.40 -10.77
CA ARG A 134 -10.22 -6.06 -10.27
C ARG A 134 -9.74 -5.14 -11.39
N GLU A 135 -8.91 -5.63 -12.31
CA GLU A 135 -8.46 -4.76 -13.39
C GLU A 135 -9.67 -4.46 -14.29
N GLU A 136 -10.54 -5.45 -14.46
CA GLU A 136 -11.72 -5.33 -15.28
C GLU A 136 -12.58 -4.16 -14.79
N GLY A 137 -12.81 -4.12 -13.48
CA GLY A 137 -13.61 -3.06 -12.90
C GLY A 137 -12.98 -1.69 -12.99
N THR A 138 -11.70 -1.60 -12.66
CA THR A 138 -11.00 -0.31 -12.71
C THR A 138 -11.03 0.24 -14.14
N ARG A 139 -10.89 -0.65 -15.12
CA ARG A 139 -10.91 -0.25 -16.52
C ARG A 139 -12.30 0.31 -16.81
N GLY A 140 -13.29 -0.15 -16.04
CA GLY A 140 -14.64 0.32 -16.22
C GLY A 140 -14.87 1.65 -15.52
N LEU A 141 -14.33 1.76 -14.32
CA LEU A 141 -14.45 2.98 -13.54
C LEU A 141 -13.74 4.15 -14.24
N LEU A 142 -12.64 3.86 -14.92
CA LEU A 142 -11.90 4.88 -15.64
C LEU A 142 -12.67 5.29 -16.87
N GLU A 143 -13.35 4.31 -17.48
CA GLU A 143 -14.16 4.57 -18.65
C GLU A 143 -15.32 5.45 -18.16
N ALA A 144 -15.86 5.11 -17.00
CA ALA A 144 -16.95 5.88 -16.38
C ALA A 144 -16.49 7.30 -16.08
N LEU A 145 -15.26 7.44 -15.59
CA LEU A 145 -14.69 8.75 -15.30
C LEU A 145 -14.77 9.60 -16.56
N ALA A 146 -14.40 8.98 -17.69
CA ALA A 146 -14.41 9.64 -18.99
C ALA A 146 -15.70 10.41 -19.20
N ALA A 147 -16.84 9.73 -19.01
CA ALA A 147 -18.14 10.37 -19.18
C ALA A 147 -18.34 11.54 -18.22
N GLU A 148 -17.82 11.40 -17.00
CA GLU A 148 -17.94 12.44 -15.97
C GLU A 148 -17.19 13.71 -16.39
N LEU A 149 -16.35 13.60 -17.42
CA LEU A 149 -15.58 14.73 -17.92
C LEU A 149 -16.07 15.27 -19.26
N HIS B 3 7.90 13.32 -9.02
CA HIS B 3 7.84 13.93 -10.38
C HIS B 3 7.98 12.84 -11.45
N SER B 4 8.14 11.62 -10.98
CA SER B 4 8.30 10.45 -11.82
C SER B 4 8.28 9.22 -10.92
N VAL B 5 7.50 8.22 -11.29
CA VAL B 5 7.40 7.00 -10.48
C VAL B 5 7.98 5.77 -11.18
N ILE B 6 8.62 4.92 -10.39
CA ILE B 6 9.19 3.68 -10.91
C ILE B 6 8.58 2.56 -10.05
N HIS B 7 7.89 1.61 -10.69
CA HIS B 7 7.30 0.52 -9.95
C HIS B 7 8.11 -0.73 -10.17
N SER B 8 8.45 -1.39 -9.09
CA SER B 8 9.22 -2.60 -9.17
C SER B 8 8.71 -3.52 -8.09
N THR B 9 8.82 -4.80 -8.32
CA THR B 9 8.40 -5.76 -7.34
C THR B 9 9.60 -6.68 -7.29
N PHE B 10 10.12 -6.91 -6.11
CA PHE B 10 11.24 -7.82 -5.97
C PHE B 10 10.89 -8.74 -4.82
N THR B 11 11.13 -10.02 -5.01
CA THR B 11 10.87 -10.98 -3.97
C THR B 11 12.25 -11.55 -3.68
N ILE B 12 12.61 -11.60 -2.41
CA ILE B 12 13.89 -12.15 -2.03
C ILE B 12 13.53 -13.24 -1.05
N GLU B 13 14.25 -14.35 -1.12
CA GLU B 13 13.99 -15.48 -0.23
C GLU B 13 15.22 -15.77 0.60
N ARG B 14 14.98 -16.12 1.84
CA ARG B 14 16.06 -16.45 2.74
C ARG B 14 15.44 -17.40 3.73
N THR B 15 16.25 -18.33 4.24
CA THR B 15 15.80 -19.34 5.19
C THR B 15 16.44 -19.17 6.58
N TYR B 16 15.78 -19.71 7.60
CA TYR B 16 16.23 -19.60 8.97
C TYR B 16 16.03 -20.90 9.74
N PRO B 17 17.11 -21.49 10.30
CA PRO B 17 16.98 -22.73 11.06
C PRO B 17 16.06 -22.55 12.27
N GLN B 18 15.87 -21.30 12.70
CA GLN B 18 14.98 -21.06 13.81
C GLN B 18 13.59 -21.39 13.31
N SER B 19 12.69 -21.65 14.25
CA SER B 19 11.32 -21.99 13.93
C SER B 19 10.51 -20.79 13.43
N PRO B 20 9.44 -21.05 12.67
CA PRO B 20 8.56 -20.01 12.12
C PRO B 20 7.95 -19.04 13.15
N ASP B 21 7.51 -19.55 14.31
CA ASP B 21 6.93 -18.69 15.35
C ASP B 21 7.94 -17.66 15.80
N ARG B 22 9.20 -18.09 15.89
CA ARG B 22 10.28 -17.20 16.31
C ARG B 22 10.52 -16.17 15.21
N VAL B 23 10.56 -16.63 13.96
CA VAL B 23 10.75 -15.75 12.81
C VAL B 23 9.69 -14.65 12.84
N PHE B 24 8.44 -15.06 13.08
CA PHE B 24 7.31 -14.14 13.13
C PHE B 24 7.43 -13.21 14.33
N HIS B 25 8.03 -13.70 15.41
CA HIS B 25 8.20 -12.91 16.62
C HIS B 25 9.04 -11.66 16.36
N ALA B 26 9.98 -11.78 15.41
CA ALA B 26 10.88 -10.70 15.02
C ALA B 26 10.20 -9.55 14.25
N PHE B 27 8.95 -9.77 13.87
CA PHE B 27 8.17 -8.76 13.15
C PHE B 27 6.95 -8.37 13.97
N ALA B 28 6.71 -9.10 15.05
CA ALA B 28 5.54 -8.82 15.88
C ALA B 28 5.78 -8.00 17.15
N ASP B 29 6.72 -8.49 17.98
CA ASP B 29 7.06 -7.84 19.26
C ASP B 29 7.62 -6.43 19.14
N LYS B 30 7.00 -5.50 19.89
CA LYS B 30 7.43 -4.10 19.87
C LYS B 30 8.89 -3.89 20.25
N ALA B 31 9.31 -4.49 21.36
CA ALA B 31 10.69 -4.35 21.82
C ALA B 31 11.66 -5.01 20.86
N THR B 32 11.37 -6.25 20.49
CA THR B 32 12.22 -7.01 19.58
C THR B 32 12.50 -6.24 18.29
N VAL B 33 11.50 -5.48 17.82
CA VAL B 33 11.64 -4.72 16.60
C VAL B 33 12.46 -3.45 16.82
N ARG B 34 12.50 -2.94 18.05
CA ARG B 34 13.28 -1.73 18.29
C ARG B 34 14.78 -2.02 18.24
N ARG B 35 15.20 -3.17 18.75
CA ARG B 35 16.62 -3.55 18.73
C ARG B 35 17.09 -3.39 17.30
N TRP B 36 16.40 -4.06 16.39
CA TRP B 36 16.72 -3.95 14.97
C TRP B 36 15.56 -3.20 14.33
N ARG B 37 15.79 -1.93 13.98
CA ARG B 37 14.74 -1.12 13.39
C ARG B 37 14.16 -1.77 12.15
N VAL B 38 13.07 -2.53 12.34
CA VAL B 38 12.38 -3.22 11.26
C VAL B 38 13.29 -3.58 10.08
N PHE B 43 22.26 8.80 16.03
CA PHE B 43 21.13 7.92 15.81
C PHE B 43 20.06 8.08 16.88
N THR B 44 19.48 9.28 16.99
CA THR B 44 18.43 9.50 17.98
C THR B 44 17.04 9.20 17.38
N VAL B 45 16.09 8.80 18.22
CA VAL B 45 14.75 8.45 17.76
C VAL B 45 13.60 9.22 18.38
N ALA B 46 13.27 10.39 17.84
CA ALA B 46 12.16 11.17 18.36
C ALA B 46 10.78 10.70 18.82
N GLU B 47 9.96 10.20 17.89
CA GLU B 47 8.61 9.73 18.21
C GLU B 47 8.73 8.33 17.61
N PHE B 48 7.94 7.41 18.15
CA PHE B 48 7.91 6.03 17.68
C PHE B 48 6.65 5.34 18.21
N SER B 49 5.83 4.81 17.30
CA SER B 49 4.61 4.13 17.67
C SER B 49 4.51 2.77 17.03
N PHE B 50 3.84 1.85 17.71
CA PHE B 50 3.65 0.50 17.21
C PHE B 50 2.30 0.00 17.71
N ASP B 51 1.56 -0.65 16.81
CA ASP B 51 0.25 -1.21 17.12
C ASP B 51 0.10 -2.39 16.17
N PHE B 52 0.63 -3.55 16.56
CA PHE B 52 0.59 -4.72 15.68
C PHE B 52 -0.79 -5.33 15.46
N ARG B 53 -1.61 -4.64 14.68
CA ARG B 53 -2.95 -5.11 14.37
C ARG B 53 -3.34 -4.53 13.03
N VAL B 54 -4.45 -5.00 12.48
CA VAL B 54 -4.92 -4.48 11.22
C VAL B 54 -5.51 -3.11 11.47
N GLY B 55 -5.11 -2.13 10.67
CA GLY B 55 -5.59 -0.76 10.84
C GLY B 55 -4.65 -0.04 11.79
N GLY B 56 -3.69 -0.79 12.32
CA GLY B 56 -2.71 -0.25 13.24
C GLY B 56 -1.53 0.36 12.52
N GLY B 57 -0.92 1.36 13.14
CA GLY B 57 0.20 2.02 12.52
C GLY B 57 1.56 1.71 13.11
N GLU B 58 2.58 2.38 12.58
CA GLU B 58 3.95 2.23 13.02
C GLU B 58 4.73 3.50 12.67
N VAL B 59 4.35 4.63 13.24
CA VAL B 59 5.06 5.86 12.95
C VAL B 59 6.45 5.80 13.53
N SER B 60 7.39 6.43 12.85
CA SER B 60 8.78 6.41 13.28
C SER B 60 9.62 7.59 12.75
N ARG B 61 10.01 8.50 13.64
CA ARG B 61 10.84 9.67 13.31
C ARG B 61 12.26 9.49 13.87
N PHE B 62 13.28 9.71 13.03
CA PHE B 62 14.66 9.57 13.50
C PHE B 62 15.67 10.21 12.56
N SER B 63 16.89 10.36 13.05
CA SER B 63 17.95 10.98 12.27
C SER B 63 19.24 10.25 12.57
N TYR B 64 20.26 10.49 11.76
CA TYR B 64 21.55 9.86 11.98
C TYR B 64 22.61 10.94 12.19
N GLY B 65 23.28 10.86 13.34
CA GLY B 65 24.31 11.82 13.69
C GLY B 65 23.95 13.26 13.39
N GLY B 66 22.79 13.70 13.88
CA GLY B 66 22.36 15.07 13.67
C GLY B 66 21.92 15.38 12.24
N GLY B 67 21.91 14.35 11.39
CA GLY B 67 21.50 14.57 10.02
C GLY B 67 20.02 14.86 9.89
N PRO B 68 19.49 14.88 8.66
CA PRO B 68 18.06 15.16 8.46
C PRO B 68 17.25 14.00 9.03
N GLU B 69 15.97 14.22 9.33
CA GLU B 69 15.19 13.13 9.88
C GLU B 69 14.46 12.29 8.86
N VAL B 70 14.50 10.99 9.09
CA VAL B 70 13.83 10.01 8.26
C VAL B 70 12.50 9.67 8.93
N ARG B 71 11.40 9.96 8.23
CA ARG B 71 10.03 9.69 8.69
C ARG B 71 9.51 8.42 8.02
N LEU B 72 9.06 7.47 8.84
CA LEU B 72 8.54 6.18 8.38
C LEU B 72 7.10 5.99 8.88
N ASP B 73 6.16 5.79 7.96
CA ASP B 73 4.77 5.57 8.35
C ASP B 73 4.30 4.32 7.68
N ALA B 74 3.91 3.33 8.46
CA ALA B 74 3.44 2.06 7.92
C ALA B 74 2.06 1.74 8.48
N GLN B 75 1.27 0.99 7.73
CA GLN B 75 -0.04 0.59 8.21
C GLN B 75 -0.25 -0.88 7.87
N PHE B 76 -0.54 -1.69 8.89
CA PHE B 76 -0.75 -3.12 8.68
C PHE B 76 -2.07 -3.39 7.94
N GLN B 77 -1.96 -4.05 6.80
CA GLN B 77 -3.08 -4.40 5.95
C GLN B 77 -3.69 -5.77 6.27
N ASP B 78 -2.83 -6.79 6.39
CA ASP B 78 -3.27 -8.15 6.67
C ASP B 78 -2.33 -8.88 7.62
N ILE B 79 -2.87 -9.50 8.67
CA ILE B 79 -2.06 -10.26 9.63
C ILE B 79 -2.50 -11.73 9.80
N VAL B 80 -1.61 -12.67 9.52
CA VAL B 80 -1.91 -14.10 9.69
C VAL B 80 -0.95 -14.67 10.74
N PRO B 81 -1.40 -14.80 12.01
CA PRO B 81 -0.58 -15.31 13.11
C PRO B 81 0.45 -16.38 12.75
N ASP B 82 1.72 -16.02 12.88
CA ASP B 82 2.85 -16.91 12.61
C ASP B 82 3.03 -17.32 11.16
N GLN B 83 2.27 -16.69 10.27
CA GLN B 83 2.36 -17.02 8.85
C GLN B 83 2.54 -15.84 7.90
N ARG B 84 1.69 -14.83 8.06
CA ARG B 84 1.72 -13.68 7.16
C ARG B 84 1.59 -12.29 7.76
N ILE B 85 2.40 -11.37 7.24
CA ILE B 85 2.37 -9.98 7.66
C ILE B 85 2.38 -9.09 6.41
N VAL B 86 1.31 -8.34 6.22
CA VAL B 86 1.20 -7.45 5.07
C VAL B 86 1.04 -6.04 5.59
N PHE B 87 1.89 -5.15 5.12
CA PHE B 87 1.79 -3.76 5.54
C PHE B 87 2.25 -2.83 4.42
N SER B 88 1.72 -1.62 4.46
CA SER B 88 2.10 -0.62 3.47
C SER B 88 2.95 0.32 4.30
N TYR B 89 3.73 1.15 3.61
CA TYR B 89 4.56 2.11 4.31
C TYR B 89 5.17 3.11 3.34
N ARG B 90 5.51 4.27 3.88
CA ARG B 90 6.11 5.32 3.11
C ARG B 90 7.30 5.82 3.87
N MET B 91 8.30 6.26 3.14
CA MET B 91 9.50 6.76 3.74
C MET B 91 9.76 8.15 3.18
N ALA B 92 10.19 9.06 4.03
CA ALA B 92 10.51 10.42 3.63
C ALA B 92 11.80 10.76 4.34
N ILE B 93 12.62 11.60 3.75
CA ILE B 93 13.83 11.96 4.44
C ILE B 93 13.84 13.46 4.44
N GLY B 94 13.06 14.03 3.54
CA GLY B 94 12.97 15.48 3.45
C GLY B 94 12.11 16.04 4.57
N PRO B 95 11.10 16.88 4.25
CA PRO B 95 10.59 17.38 2.97
C PRO B 95 11.14 16.75 1.70
N GLN B 96 10.72 15.51 1.46
CA GLN B 96 11.15 14.75 0.29
C GLN B 96 10.62 13.32 0.40
N PRO B 97 9.42 13.09 -0.13
CA PRO B 97 8.88 11.73 -0.06
C PRO B 97 9.79 10.84 -0.88
N MET B 98 10.25 9.74 -0.30
CA MET B 98 11.13 8.82 -1.03
C MET B 98 10.33 7.76 -1.80
N SER B 99 9.38 7.12 -1.11
CA SER B 99 8.58 6.08 -1.73
C SER B 99 7.47 5.60 -0.84
N ALA B 100 6.64 4.70 -1.40
CA ALA B 100 5.52 4.08 -0.69
C ALA B 100 5.46 2.65 -1.22
N SER B 101 5.26 1.68 -0.34
CA SER B 101 5.19 0.31 -0.83
C SER B 101 4.33 -0.61 -0.01
N LEU B 102 3.94 -1.73 -0.62
CA LEU B 102 3.15 -2.74 0.03
C LEU B 102 4.09 -3.91 0.28
N THR B 103 4.24 -4.29 1.55
CA THR B 103 5.16 -5.36 1.87
C THR B 103 4.50 -6.62 2.36
N THR B 104 4.90 -7.74 1.75
CA THR B 104 4.38 -9.04 2.14
C THR B 104 5.56 -9.83 2.67
N VAL B 105 5.38 -10.40 3.86
CA VAL B 105 6.40 -11.23 4.46
C VAL B 105 5.69 -12.53 4.83
N GLU B 106 6.00 -13.59 4.10
CA GLU B 106 5.40 -14.89 4.36
C GLU B 106 6.49 -15.81 4.86
N LEU B 107 6.12 -16.72 5.74
CA LEU B 107 7.09 -17.66 6.28
C LEU B 107 6.48 -19.03 6.47
N THR B 108 6.62 -19.87 5.44
CA THR B 108 6.10 -21.23 5.46
C THR B 108 7.15 -22.14 6.12
N PRO B 109 6.69 -23.15 6.88
CA PRO B 109 7.58 -24.09 7.57
C PRO B 109 7.97 -25.27 6.67
N THR B 114 12.82 -22.08 8.86
CA THR B 114 11.78 -21.37 8.14
C THR B 114 12.30 -20.79 6.83
N ARG B 115 11.38 -20.62 5.89
CA ARG B 115 11.70 -20.03 4.60
C ARG B 115 10.87 -18.78 4.51
N LEU B 116 11.39 -17.68 5.06
CA LEU B 116 10.68 -16.40 5.01
C LEU B 116 10.80 -15.94 3.57
N THR B 117 9.67 -15.51 3.00
CA THR B 117 9.63 -15.03 1.64
C THR B 117 9.22 -13.55 1.73
N TYR B 118 10.20 -12.68 1.51
CA TYR B 118 9.98 -11.23 1.58
C TYR B 118 9.61 -10.65 0.22
N THR B 119 8.43 -10.04 0.16
CA THR B 119 7.97 -9.44 -1.06
C THR B 119 7.69 -7.97 -0.84
N GLU B 120 8.17 -7.14 -1.77
CA GLU B 120 7.96 -5.73 -1.67
C GLU B 120 7.57 -5.18 -3.02
N GLN B 121 6.37 -4.64 -3.07
CA GLN B 121 5.84 -4.03 -4.28
C GLN B 121 5.96 -2.55 -3.94
N GLY B 122 6.84 -1.87 -4.65
CA GLY B 122 7.08 -0.47 -4.35
C GLY B 122 6.91 0.53 -5.46
N ALA B 123 6.86 1.79 -5.06
CA ALA B 123 6.72 2.93 -5.96
C ALA B 123 7.83 3.90 -5.54
N PHE B 124 8.72 4.22 -6.47
CA PHE B 124 9.83 5.11 -6.17
C PHE B 124 9.82 6.46 -6.89
N PHE B 125 9.93 7.51 -6.09
CA PHE B 125 9.91 8.87 -6.61
C PHE B 125 11.33 9.40 -6.78
N GLY B 133 17.81 -1.21 -6.77
CA GLY B 133 18.43 -0.35 -5.79
C GLY B 133 17.97 -0.70 -4.38
N ARG B 134 16.70 -0.42 -4.11
CA ARG B 134 16.10 -0.70 -2.81
C ARG B 134 16.17 -2.20 -2.48
N GLU B 135 16.32 -3.03 -3.51
CA GLU B 135 16.37 -4.47 -3.33
C GLU B 135 17.58 -5.02 -2.58
N GLU B 136 18.77 -4.59 -2.98
CA GLU B 136 19.99 -5.05 -2.34
C GLU B 136 19.99 -4.79 -0.85
N GLY B 137 19.49 -3.62 -0.47
CA GLY B 137 19.42 -3.28 0.94
C GLY B 137 18.48 -4.22 1.66
N THR B 138 17.42 -4.65 0.96
CA THR B 138 16.47 -5.56 1.56
C THR B 138 17.05 -6.93 1.87
N ARG B 139 17.86 -7.45 0.95
CA ARG B 139 18.51 -8.72 1.21
C ARG B 139 19.35 -8.56 2.45
N GLY B 140 19.81 -7.33 2.68
CA GLY B 140 20.63 -7.04 3.84
C GLY B 140 19.79 -7.01 5.10
N LEU B 141 18.60 -6.45 4.99
CA LEU B 141 17.73 -6.36 6.15
C LEU B 141 17.36 -7.78 6.61
N LEU B 142 17.56 -8.76 5.73
CA LEU B 142 17.27 -10.15 6.07
C LEU B 142 18.51 -10.84 6.59
N GLU B 143 19.67 -10.36 6.13
CA GLU B 143 20.92 -10.92 6.59
C GLU B 143 21.05 -10.52 8.05
N ALA B 144 20.45 -9.39 8.39
CA ALA B 144 20.46 -8.86 9.76
C ALA B 144 19.45 -9.62 10.58
N LEU B 145 18.36 -10.04 9.94
CA LEU B 145 17.31 -10.80 10.60
C LEU B 145 18.02 -12.04 11.15
N ALA B 146 18.97 -12.53 10.36
CA ALA B 146 19.77 -13.68 10.73
C ALA B 146 20.53 -13.40 12.03
N ALA B 147 20.84 -12.12 12.27
CA ALA B 147 21.58 -11.71 13.46
C ALA B 147 20.87 -11.98 14.78
N GLU B 148 19.90 -11.12 15.14
CA GLU B 148 19.17 -11.29 16.39
C GLU B 148 18.32 -12.56 16.37
N LEU B 149 18.54 -13.38 15.33
CA LEU B 149 17.80 -14.61 15.19
C LEU B 149 18.08 -15.61 16.29
N GLN B 150 19.20 -15.45 17.00
CA GLN B 150 19.55 -16.36 18.08
C GLN B 150 19.82 -15.62 19.38
N LYS B 151 19.82 -14.30 19.34
CA LYS B 151 20.07 -13.47 20.53
C LYS B 151 19.00 -13.67 21.61
N TRP B 152 18.73 -14.92 21.96
CA TRP B 152 17.72 -15.20 22.98
C TRP B 152 17.71 -16.70 23.31
#